data_4LMS
#
_entry.id   4LMS
#
_cell.length_a   44.958
_cell.length_b   93.824
_cell.length_c   121.908
_cell.angle_alpha   90.00
_cell.angle_beta   90.00
_cell.angle_gamma   90.00
#
_symmetry.space_group_name_H-M   'P 21 21 21'
#
loop_
_entity.id
_entity.type
_entity.pdbx_description
1 polymer 'cryptophyte phycocyanin (alpha-1 chain)'
2 polymer 'cryptophyte phycocyanin (beta chain)'
3 polymer 'cryptophyte phycocyanin (alpha-2 chain)'
4 non-polymer 'mesobiliverdin IX(alpha)'
5 non-polymer 15,16-DIHYDROBILIVERDIN
6 non-polymer PHYCOCYANOBILIN
7 non-polymer 'HEXAETHYLENE GLYCOL'
8 water water
#
loop_
_entity_poly.entity_id
_entity_poly.type
_entity_poly.pdbx_seq_one_letter_code
_entity_poly.pdbx_strand_id
1 'polypeptide(L)' RDAQLRAPIVEIFDARGCDAKNAQYTGPKSNDMNDDQCVKVSMQKITVSEATAAKKLQEFIGGKATAINVPIISSMTKKY A
2 'polypeptide(L)'
;MLDAFSRVVTSADSKAAYVGGADLQALKKFVSEGNKRLDAVNAIVSNASCIVSDAVSGMICENPALISPSG(MEN)CYTN
RRMAACLRDAEIILRYVSYSLLSGDSSVLEDRCLGGLKETYASLGVPAAGNARAVGIMKATCVAFINNTSNQKKLSTPAG
DCSALASECAGYFDKVTSALA
;
B,D
3 'polypeptide(L)' KDAQLRAPVVTIFDARGCKDHANKEYTGPKAGNAENDECCVKVQMTPIKVADDAAALVLKECLSELKGKK C
#
# COMPACT_ATOMS: atom_id res chain seq x y z
N ARG A 1 -9.38 11.37 23.21
CA ARG A 1 -10.51 10.66 22.57
C ARG A 1 -11.27 11.54 21.56
N ASP A 2 -11.76 10.92 20.48
CA ASP A 2 -12.70 11.56 19.56
C ASP A 2 -13.81 10.56 19.26
N ALA A 3 -15.01 10.84 19.75
CA ALA A 3 -16.12 9.90 19.67
C ALA A 3 -16.48 9.46 18.25
N GLN A 4 -16.19 10.31 17.27
CA GLN A 4 -16.57 10.02 15.89
C GLN A 4 -15.40 9.47 15.08
N LEU A 5 -14.27 9.23 15.75
CA LEU A 5 -13.09 8.68 15.11
C LEU A 5 -12.67 9.51 13.91
N ARG A 6 -12.70 10.82 14.09
CA ARG A 6 -12.23 11.74 13.08
C ARG A 6 -10.74 12.00 13.27
N ALA A 7 -10.08 12.29 12.16
CA ALA A 7 -8.68 12.66 12.20
C ALA A 7 -8.46 13.77 11.19
N PRO A 8 -7.38 14.53 11.35
CA PRO A 8 -7.08 15.61 10.41
C PRO A 8 -6.53 15.10 9.08
N ILE A 9 -7.24 15.40 8.00
CA ILE A 9 -6.77 15.10 6.65
C ILE A 9 -6.04 16.35 6.15
N VAL A 10 -4.72 16.23 6.02
CA VAL A 10 -3.90 17.33 5.54
C VAL A 10 -3.56 17.07 4.07
N GLU A 11 -3.79 18.09 3.24
CA GLU A 11 -3.54 18.00 1.80
C GLU A 11 -2.63 19.15 1.39
N ILE A 12 -1.65 18.82 0.56
CA ILE A 12 -0.57 19.72 0.19
C ILE A 12 -0.64 19.97 -1.32
N PHE A 13 -0.97 21.20 -1.72
CA PHE A 13 -1.08 21.56 -3.13
C PHE A 13 0.01 22.53 -3.55
N ASP A 14 1.08 22.01 -4.14
CA ASP A 14 2.10 22.86 -4.75
C ASP A 14 1.73 22.98 -6.21
N ALA A 15 0.93 23.98 -6.54
CA ALA A 15 0.39 24.13 -7.87
C ALA A 15 1.20 25.10 -8.72
N ARG A 16 2.46 25.32 -8.39
CA ARG A 16 3.34 25.99 -9.33
C ARG A 16 3.38 25.16 -10.61
N GLY A 17 3.12 25.80 -11.73
CA GLY A 17 3.18 25.12 -13.01
C GLY A 17 1.95 24.29 -13.31
N CYS A 18 0.92 24.43 -12.50
CA CYS A 18 -0.34 23.74 -12.74
C CYS A 18 -1.31 24.71 -13.41
N ASP A 19 -1.68 24.40 -14.64
CA ASP A 19 -2.43 25.33 -15.44
C ASP A 19 -3.93 25.33 -15.17
N ALA A 20 -4.38 24.54 -14.20
CA ALA A 20 -5.76 24.51 -13.76
C ALA A 20 -5.91 25.44 -12.56
N LYS A 21 -6.91 26.31 -12.59
CA LYS A 21 -7.08 27.30 -11.53
C LYS A 21 -7.96 26.75 -10.41
N ASN A 22 -7.56 26.99 -9.17
CA ASN A 22 -8.38 26.67 -8.00
C ASN A 22 -8.39 27.82 -7.02
N ALA A 23 -9.54 28.13 -6.46
CA ALA A 23 -9.71 29.31 -5.60
C ALA A 23 -10.60 29.04 -4.37
N GLN A 24 -10.37 27.91 -3.72
CA GLN A 24 -11.07 27.57 -2.49
C GLN A 24 -10.60 28.47 -1.34
N TYR A 25 -9.31 28.80 -1.35
CA TYR A 25 -8.75 29.76 -0.40
C TYR A 25 -9.35 31.11 -0.70
N THR A 26 -9.90 31.76 0.33
CA THR A 26 -10.66 33.00 0.15
C THR A 26 -9.96 34.21 0.78
N GLY A 27 -8.76 34.01 1.32
CA GLY A 27 -8.04 35.08 1.99
C GLY A 27 -7.27 35.92 1.00
N PRO A 28 -6.46 36.86 1.50
CA PRO A 28 -5.71 37.78 0.64
C PRO A 28 -4.60 37.13 -0.15
N LYS A 29 -4.24 37.73 -1.28
CA LYS A 29 -3.10 37.28 -2.07
C LYS A 29 -1.77 37.68 -1.46
N SER A 30 -0.75 36.87 -1.70
CA SER A 30 0.61 37.18 -1.27
C SER A 30 1.41 37.87 -2.37
N ASN A 31 0.91 37.79 -3.60
CA ASN A 31 1.62 38.33 -4.75
C ASN A 31 3.00 37.71 -4.92
N ASP A 32 3.09 36.40 -4.63
CA ASP A 32 4.26 35.60 -4.92
C ASP A 32 3.85 34.13 -5.09
N MET A 33 4.81 33.20 -5.05
CA MET A 33 4.50 31.78 -5.31
C MET A 33 3.41 31.21 -4.40
N ASN A 34 3.21 31.80 -3.22
CA ASN A 34 2.18 31.27 -2.32
C ASN A 34 0.77 31.38 -2.90
N ASP A 35 0.56 32.26 -3.89
CA ASP A 35 -0.73 32.30 -4.57
C ASP A 35 -1.01 31.06 -5.41
N ASP A 36 0.03 30.25 -5.65
CA ASP A 36 -0.08 28.99 -6.39
C ASP A 36 0.13 27.81 -5.45
N GLN A 37 0.01 28.03 -4.14
CA GLN A 37 0.25 26.98 -3.18
C GLN A 37 -0.84 27.00 -2.12
N CYS A 38 -1.25 25.82 -1.65
CA CYS A 38 -2.31 25.77 -0.65
C CYS A 38 -2.21 24.53 0.21
N VAL A 39 -2.48 24.70 1.50
CA VAL A 39 -2.65 23.59 2.41
C VAL A 39 -4.13 23.52 2.78
N LYS A 40 -4.70 22.33 2.67
CA LYS A 40 -6.07 22.08 3.06
C LYS A 40 -6.09 21.17 4.28
N VAL A 41 -6.85 21.53 5.31
CA VAL A 41 -7.02 20.66 6.45
C VAL A 41 -8.49 20.51 6.75
N SER A 42 -8.92 19.28 6.99
CA SER A 42 -10.27 19.02 7.45
C SER A 42 -10.29 17.85 8.42
N MET A 43 -11.30 17.82 9.28
CA MET A 43 -11.48 16.70 10.19
C MET A 43 -12.51 15.76 9.60
N GLN A 44 -12.08 14.55 9.25
CA GLN A 44 -12.96 13.58 8.62
C GLN A 44 -12.94 12.28 9.40
N LYS A 45 -14.08 11.61 9.43
CA LYS A 45 -14.18 10.28 10.01
C LYS A 45 -13.28 9.35 9.22
N ILE A 46 -12.51 8.54 9.94
CA ILE A 46 -11.62 7.59 9.28
C ILE A 46 -12.28 6.23 9.32
N THR A 47 -12.39 5.60 8.17
CA THR A 47 -13.07 4.30 8.07
C THR A 47 -12.30 3.39 7.11
N VAL A 48 -12.37 2.10 7.43
CA VAL A 48 -11.83 1.05 6.58
C VAL A 48 -12.91 -0.03 6.52
N SER A 49 -13.29 -0.42 5.33
CA SER A 49 -14.36 -1.39 5.16
C SER A 49 -13.85 -2.80 5.42
N GLU A 50 -14.75 -3.70 5.81
CA GLU A 50 -14.36 -5.07 6.02
C GLU A 50 -13.91 -5.72 4.71
N ALA A 51 -14.46 -5.30 3.58
CA ALA A 51 -13.99 -5.76 2.28
C ALA A 51 -12.54 -5.40 2.02
N THR A 52 -12.17 -4.15 2.26
CA THR A 52 -10.76 -3.79 2.17
C THR A 52 -9.93 -4.62 3.15
N ALA A 53 -10.42 -4.76 4.39
CA ALA A 53 -9.69 -5.52 5.39
C ALA A 53 -9.44 -6.96 4.94
N ALA A 54 -10.43 -7.56 4.27
CA ALA A 54 -10.26 -8.92 3.80
C ALA A 54 -9.16 -8.99 2.74
N LYS A 55 -9.09 -7.97 1.89
CA LYS A 55 -8.04 -7.93 0.89
C LYS A 55 -6.67 -7.76 1.53
N LYS A 56 -6.59 -6.94 2.57
CA LYS A 56 -5.32 -6.76 3.28
C LYS A 56 -4.87 -8.07 3.96
N LEU A 57 -5.81 -8.79 4.58
CA LEU A 57 -5.47 -10.06 5.23
C LEU A 57 -4.82 -11.00 4.22
N GLN A 58 -5.38 -11.07 3.02
CA GLN A 58 -4.82 -11.95 1.99
C GLN A 58 -3.40 -11.56 1.59
N GLU A 59 -3.13 -10.25 1.61
CA GLU A 59 -1.77 -9.75 1.39
C GLU A 59 -0.80 -10.07 2.52
N PHE A 60 -1.31 -10.06 3.75
CA PHE A 60 -0.48 -10.18 4.96
C PHE A 60 -0.22 -11.63 5.39
N ILE A 61 -1.09 -12.54 4.97
CA ILE A 61 -1.16 -13.87 5.58
C ILE A 61 0.02 -14.78 5.22
N GLY A 62 0.65 -14.57 4.06
CA GLY A 62 1.82 -15.36 3.69
C GLY A 62 2.93 -15.20 4.71
N GLY A 63 3.04 -14.00 5.30
CA GLY A 63 3.93 -13.76 6.43
C GLY A 63 5.42 -13.70 6.16
N LYS A 64 5.81 -13.60 4.90
CA LYS A 64 7.22 -13.59 4.52
C LYS A 64 7.63 -12.36 3.74
N ALA A 65 6.80 -11.93 2.80
CA ALA A 65 7.21 -10.92 1.84
C ALA A 65 7.15 -9.53 2.43
N THR A 66 7.97 -8.65 1.89
CA THR A 66 8.08 -7.29 2.38
C THR A 66 8.24 -6.31 1.23
N ALA A 67 8.22 -5.02 1.58
CA ALA A 67 8.69 -3.97 0.71
C ALA A 67 10.17 -4.17 0.37
N ILE A 68 10.67 -3.41 -0.59
CA ILE A 68 12.09 -3.52 -0.99
C ILE A 68 13.00 -2.78 -0.02
N ASN A 69 14.00 -3.51 0.45
CA ASN A 69 15.09 -2.98 1.28
C ASN A 69 14.66 -2.52 2.66
N VAL A 70 13.91 -3.36 3.35
CA VAL A 70 13.48 -3.09 4.71
C VAL A 70 13.90 -4.22 5.66
N PRO A 71 14.02 -3.91 6.94
CA PRO A 71 14.41 -4.96 7.89
C PRO A 71 13.40 -6.09 7.93
N ILE A 72 13.92 -7.29 8.17
CA ILE A 72 13.12 -8.49 8.26
C ILE A 72 12.93 -8.87 9.73
N ILE A 73 11.68 -8.94 10.17
CA ILE A 73 11.38 -9.28 11.54
C ILE A 73 10.43 -10.48 11.66
N SER A 74 10.13 -11.13 10.54
CA SER A 74 9.13 -12.18 10.58
C SER A 74 9.56 -13.34 11.47
N SER A 75 8.57 -13.98 12.04
CA SER A 75 8.75 -15.17 12.86
C SER A 75 7.62 -16.18 12.64
N MET A 76 7.95 -17.45 12.85
CA MET A 76 6.99 -18.54 12.70
C MET A 76 6.40 -18.99 14.03
N THR A 77 6.69 -18.27 15.10
CA THR A 77 6.21 -18.66 16.40
C THR A 77 5.45 -17.51 17.08
N LYS A 78 4.50 -17.88 17.92
CA LYS A 78 3.71 -16.90 18.66
C LYS A 78 4.55 -16.05 19.63
N LYS A 79 4.35 -14.74 19.60
CA LYS A 79 5.11 -13.84 20.45
C LYS A 79 4.30 -13.31 21.63
N TYR A 80 3.01 -13.11 21.41
CA TYR A 80 2.13 -12.56 22.43
C TYR A 80 0.69 -12.73 21.97
N LYS B 15 -16.41 23.09 5.71
CA LYS B 15 -15.83 22.46 6.89
C LYS B 15 -14.30 22.41 6.84
N ALA B 16 -13.72 22.45 5.64
CA ALA B 16 -12.27 22.46 5.50
C ALA B 16 -11.68 23.86 5.59
N ALA B 17 -10.46 23.93 6.10
CA ALA B 17 -9.67 25.15 6.12
C ALA B 17 -8.68 25.15 4.94
N TYR B 18 -8.61 26.28 4.26
CA TYR B 18 -7.69 26.46 3.14
C TYR B 18 -6.69 27.57 3.49
N VAL B 19 -5.41 27.23 3.42
CA VAL B 19 -4.34 28.16 3.78
C VAL B 19 -3.44 28.31 2.55
N GLY B 20 -3.61 29.42 1.86
CA GLY B 20 -2.85 29.71 0.66
C GLY B 20 -2.48 31.17 0.67
N GLY B 21 -1.80 31.64 -0.38
CA GLY B 21 -1.54 33.06 -0.53
C GLY B 21 -0.94 33.67 0.74
N ALA B 22 -1.46 34.83 1.17
CA ALA B 22 -0.93 35.54 2.33
C ALA B 22 -0.96 34.71 3.60
N ASP B 23 -2.04 33.95 3.79
CA ASP B 23 -2.13 33.15 5.00
C ASP B 23 -1.06 32.07 5.04
N LEU B 24 -0.75 31.48 3.90
CA LEU B 24 0.28 30.45 3.83
C LEU B 24 1.67 31.08 3.97
N GLN B 25 1.86 32.24 3.37
CA GLN B 25 3.12 32.95 3.51
C GLN B 25 3.37 33.20 4.99
N ALA B 26 2.31 33.57 5.71
CA ALA B 26 2.40 33.80 7.15
C ALA B 26 2.66 32.50 7.92
N LEU B 27 1.91 31.46 7.62
CA LEU B 27 2.09 30.17 8.30
C LEU B 27 3.56 29.69 8.21
N LYS B 28 4.16 29.87 7.03
CA LYS B 28 5.52 29.43 6.81
C LYS B 28 6.50 30.15 7.71
N LYS B 29 6.14 31.33 8.19
CA LYS B 29 7.00 32.06 9.12
C LYS B 29 6.71 31.69 10.57
N PHE B 30 5.58 31.04 10.84
CA PHE B 30 5.21 30.71 12.21
C PHE B 30 5.66 29.31 12.65
N VAL B 31 6.13 28.49 11.72
CA VAL B 31 6.68 27.17 12.02
C VAL B 31 8.09 27.15 11.48
N SER B 32 8.96 26.33 12.07
CA SER B 32 10.34 26.26 11.58
C SER B 32 10.40 25.55 10.21
N GLU B 33 11.33 26.02 9.38
CA GLU B 33 11.62 25.40 8.09
C GLU B 33 10.35 25.13 7.31
N GLY B 34 9.57 26.19 7.09
CA GLY B 34 8.21 26.04 6.59
C GLY B 34 8.09 25.23 5.30
N ASN B 35 8.88 25.56 4.28
CA ASN B 35 8.81 24.82 3.03
C ASN B 35 9.22 23.37 3.18
N LYS B 36 10.33 23.11 3.87
CA LYS B 36 10.78 21.73 4.08
C LYS B 36 9.71 20.97 4.87
N ARG B 37 9.10 21.62 5.86
CA ARG B 37 8.07 21.01 6.67
C ARG B 37 6.88 20.56 5.83
N LEU B 38 6.48 21.38 4.85
CA LEU B 38 5.41 21.01 3.94
C LEU B 38 5.81 19.81 3.08
N ASP B 39 7.06 19.78 2.63
CA ASP B 39 7.55 18.58 1.92
C ASP B 39 7.50 17.34 2.81
N ALA B 40 7.87 17.51 4.08
CA ALA B 40 7.90 16.36 4.96
C ALA B 40 6.49 15.83 5.21
N VAL B 41 5.54 16.74 5.42
CA VAL B 41 4.14 16.37 5.54
C VAL B 41 3.65 15.68 4.26
N ASN B 42 4.04 16.22 3.12
CA ASN B 42 3.65 15.62 1.84
C ASN B 42 4.12 14.17 1.74
N ALA B 43 5.32 13.90 2.23
CA ALA B 43 5.90 12.56 2.18
C ALA B 43 5.12 11.56 3.01
N ILE B 44 4.45 12.05 4.05
CA ILE B 44 3.54 11.20 4.81
C ILE B 44 2.19 11.03 4.09
N VAL B 45 1.54 12.14 3.77
CA VAL B 45 0.15 12.03 3.35
C VAL B 45 0.01 11.38 1.97
N SER B 46 0.99 11.55 1.08
CA SER B 46 0.92 10.92 -0.24
C SER B 46 1.36 9.46 -0.21
N ASN B 47 1.76 8.93 0.96
CA ASN B 47 2.07 7.52 1.13
C ASN B 47 1.23 6.88 2.22
N ALA B 48 0.11 7.49 2.54
CA ALA B 48 -0.66 7.07 3.72
C ALA B 48 -1.05 5.59 3.66
N SER B 49 -1.52 5.14 2.51
CA SER B 49 -2.03 3.76 2.45
C SER B 49 -0.91 2.75 2.67
N CYS B 50 0.25 2.94 2.04
CA CYS B 50 1.30 1.96 2.18
C CYS B 50 1.95 2.02 3.56
N ILE B 51 2.01 3.20 4.18
CA ILE B 51 2.56 3.31 5.53
C ILE B 51 1.74 2.48 6.51
N VAL B 52 0.42 2.63 6.43
CA VAL B 52 -0.50 1.86 7.28
C VAL B 52 -0.35 0.36 7.00
N SER B 53 -0.28 0.01 5.73
CA SER B 53 -0.13 -1.39 5.34
C SER B 53 1.13 -2.02 5.91
N ASP B 54 2.27 -1.36 5.72
CA ASP B 54 3.53 -1.94 6.18
C ASP B 54 3.51 -2.17 7.67
N ALA B 55 2.91 -1.24 8.39
CA ALA B 55 2.91 -1.31 9.82
C ALA B 55 2.09 -2.48 10.32
N VAL B 56 0.89 -2.65 9.80
CA VAL B 56 0.04 -3.74 10.26
C VAL B 56 0.59 -5.08 9.74
N SER B 57 1.07 -5.09 8.51
CA SER B 57 1.65 -6.31 7.95
C SER B 57 2.88 -6.82 8.74
N GLY B 58 3.75 -5.90 9.14
CA GLY B 58 4.96 -6.25 9.86
C GLY B 58 4.70 -6.69 11.28
N MET B 59 3.73 -6.05 11.90
CA MET B 59 3.31 -6.44 13.24
C MET B 59 2.89 -7.90 13.17
N ILE B 60 2.15 -8.24 12.11
CA ILE B 60 1.61 -9.58 11.94
C ILE B 60 2.69 -10.60 11.56
N CYS B 61 3.59 -10.28 10.64
CA CYS B 61 4.56 -11.28 10.26
C CYS B 61 5.52 -11.59 11.42
N GLU B 62 5.74 -10.64 12.32
CA GLU B 62 6.54 -10.89 13.51
C GLU B 62 5.77 -11.74 14.50
N ASN B 63 4.46 -11.53 14.60
CA ASN B 63 3.64 -12.33 15.50
C ASN B 63 2.38 -12.84 14.79
N PRO B 64 2.50 -13.96 14.06
CA PRO B 64 1.36 -14.38 13.27
C PRO B 64 0.14 -14.78 14.09
N ALA B 65 0.35 -15.01 15.39
CA ALA B 65 -0.77 -15.34 16.25
C ALA B 65 -1.84 -14.25 16.20
N LEU B 66 -1.47 -13.01 15.85
CA LEU B 66 -2.48 -11.96 15.78
C LEU B 66 -3.65 -12.20 14.83
N ILE B 67 -3.41 -13.04 13.81
CA ILE B 67 -4.45 -13.47 12.89
C ILE B 67 -4.77 -14.97 13.04
N SER B 68 -4.35 -15.59 14.15
CA SER B 68 -4.88 -16.88 14.58
C SER B 68 -6.28 -16.63 15.13
N PRO B 69 -7.10 -17.68 15.27
CA PRO B 69 -8.46 -17.47 15.75
C PRO B 69 -8.57 -16.75 17.09
N SER B 70 -7.54 -16.83 17.94
CA SER B 70 -7.58 -16.15 19.22
C SER B 70 -6.89 -14.78 19.20
N GLY B 71 -6.38 -14.36 18.04
CA GLY B 71 -5.61 -13.11 17.95
C GLY B 71 -6.47 -11.89 17.74
N CYS B 73 -6.40 -9.38 15.66
CA CYS B 73 -6.72 -8.94 14.30
C CYS B 73 -7.50 -9.99 13.52
N TYR B 74 -7.95 -11.05 14.21
CA TYR B 74 -8.74 -12.09 13.57
C TYR B 74 -10.11 -11.56 13.18
N THR B 75 -10.58 -11.91 11.99
CA THR B 75 -11.83 -11.40 11.40
C THR B 75 -11.62 -10.06 10.76
N ASN B 76 -12.40 -9.83 9.68
CA ASN B 76 -12.32 -8.59 8.92
C ASN B 76 -12.69 -7.42 9.81
N ARG B 77 -13.64 -7.61 10.74
CA ARG B 77 -14.01 -6.53 11.66
C ARG B 77 -12.84 -6.02 12.50
N ARG B 78 -12.08 -6.94 13.11
CA ARG B 78 -10.96 -6.57 13.93
C ARG B 78 -9.84 -5.97 13.05
N MET B 79 -9.52 -6.63 11.95
CA MET B 79 -8.46 -6.10 11.08
C MET B 79 -8.83 -4.70 10.59
N ALA B 80 -10.07 -4.49 10.21
CA ALA B 80 -10.47 -3.17 9.71
C ALA B 80 -10.30 -2.10 10.81
N ALA B 81 -10.62 -2.44 12.05
CA ALA B 81 -10.43 -1.49 13.14
C ALA B 81 -8.95 -1.18 13.35
N CYS B 82 -8.08 -2.17 13.14
CA CYS B 82 -6.66 -1.94 13.38
C CYS B 82 -6.09 -1.08 12.30
N LEU B 83 -6.44 -1.38 11.04
CA LEU B 83 -6.04 -0.53 9.91
C LEU B 83 -6.55 0.90 10.04
N ARG B 84 -7.79 1.05 10.49
CA ARG B 84 -8.38 2.36 10.76
C ARG B 84 -7.57 3.09 11.82
N ASP B 85 -7.30 2.43 12.94
CA ASP B 85 -6.64 3.09 14.07
C ASP B 85 -5.23 3.53 13.66
N ALA B 86 -4.56 2.68 12.89
CA ALA B 86 -3.23 3.03 12.42
C ALA B 86 -3.29 4.29 11.57
N GLU B 87 -4.27 4.38 10.67
CA GLU B 87 -4.44 5.58 9.85
C GLU B 87 -4.74 6.82 10.71
N ILE B 88 -5.57 6.64 11.72
CA ILE B 88 -5.92 7.76 12.63
C ILE B 88 -4.66 8.29 13.27
N ILE B 89 -3.86 7.37 13.83
CA ILE B 89 -2.64 7.77 14.53
C ILE B 89 -1.71 8.47 13.53
N LEU B 90 -1.50 7.86 12.36
CA LEU B 90 -0.67 8.46 11.33
C LEU B 90 -1.12 9.89 11.00
N ARG B 91 -2.42 10.11 10.85
CA ARG B 91 -2.90 11.42 10.44
C ARG B 91 -2.73 12.47 11.52
N TYR B 92 -2.98 12.11 12.79
CA TYR B 92 -2.73 13.06 13.85
C TYR B 92 -1.26 13.39 13.93
N VAL B 93 -0.40 12.43 13.60
CA VAL B 93 1.04 12.71 13.54
C VAL B 93 1.33 13.67 12.39
N SER B 94 0.73 13.44 11.22
CA SER B 94 0.97 14.34 10.09
C SER B 94 0.57 15.76 10.41
N TYR B 95 -0.52 15.92 11.18
CA TYR B 95 -1.01 17.25 11.55
C TYR B 95 -0.08 17.89 12.59
N SER B 96 0.51 17.08 13.46
CA SER B 96 1.48 17.59 14.42
C SER B 96 2.70 18.12 13.68
N LEU B 97 3.14 17.41 12.65
CA LEU B 97 4.26 17.86 11.85
C LEU B 97 3.93 19.14 11.05
N LEU B 98 2.71 19.24 10.53
CA LEU B 98 2.30 20.48 9.86
C LEU B 98 2.33 21.67 10.81
N SER B 99 1.81 21.44 12.02
CA SER B 99 1.62 22.49 13.03
C SER B 99 2.88 22.79 13.83
N GLY B 100 3.84 21.88 13.82
CA GLY B 100 4.96 21.96 14.74
C GLY B 100 4.54 21.86 16.19
N ASP B 101 3.44 21.16 16.45
CA ASP B 101 2.82 21.14 17.78
C ASP B 101 2.07 19.83 17.94
N SER B 102 2.22 19.18 19.10
CA SER B 102 1.58 17.90 19.36
C SER B 102 0.35 17.98 20.25
N SER B 103 -0.14 19.18 20.55
CA SER B 103 -1.23 19.29 21.53
C SER B 103 -2.49 18.53 21.10
N VAL B 104 -2.85 18.62 19.82
CA VAL B 104 -4.07 17.96 19.35
C VAL B 104 -3.89 16.46 19.36
N LEU B 105 -2.71 16.01 18.91
CA LEU B 105 -2.35 14.60 18.99
C LEU B 105 -2.48 14.08 20.42
N GLU B 106 -1.93 14.81 21.38
CA GLU B 106 -1.91 14.33 22.74
C GLU B 106 -3.30 14.34 23.37
N ASP B 107 -4.14 15.31 23.01
CA ASP B 107 -5.46 15.41 23.60
C ASP B 107 -6.45 14.55 22.87
N ARG B 108 -6.70 14.90 21.62
CA ARG B 108 -7.78 14.30 20.86
C ARG B 108 -7.49 12.85 20.49
N CYS B 109 -6.25 12.56 20.08
CA CYS B 109 -5.93 11.20 19.69
C CYS B 109 -5.56 10.30 20.87
N LEU B 110 -4.58 10.73 21.68
CA LEU B 110 -3.99 9.84 22.67
C LEU B 110 -4.69 9.85 24.01
N GLY B 111 -5.50 10.87 24.26
CA GLY B 111 -6.19 10.97 25.55
C GLY B 111 -7.16 9.83 25.73
N GLY B 112 -6.97 9.02 26.77
CA GLY B 112 -7.86 7.90 27.05
C GLY B 112 -7.62 6.65 26.21
N LEU B 113 -6.64 6.70 25.30
CA LEU B 113 -6.45 5.59 24.37
C LEU B 113 -5.84 4.34 25.03
N LYS B 114 -4.87 4.51 25.91
CA LYS B 114 -4.24 3.37 26.56
C LYS B 114 -5.29 2.61 27.36
N GLU B 115 -6.16 3.35 28.04
CA GLU B 115 -7.21 2.75 28.85
C GLU B 115 -8.16 2.02 27.93
N THR B 116 -8.39 2.62 26.75
CA THR B 116 -9.37 2.06 25.84
C THR B 116 -8.86 0.71 25.37
N TYR B 117 -7.60 0.69 24.96
CA TYR B 117 -6.97 -0.52 24.49
C TYR B 117 -6.81 -1.56 25.62
N ALA B 118 -6.59 -1.10 26.85
CA ALA B 118 -6.52 -2.03 27.97
C ALA B 118 -7.86 -2.74 28.14
N SER B 119 -8.96 -2.00 27.98
CA SER B 119 -10.30 -2.59 28.20
C SER B 119 -10.69 -3.56 27.10
N LEU B 120 -10.22 -3.28 25.89
CA LEU B 120 -10.57 -4.09 24.71
C LEU B 120 -9.65 -5.28 24.56
N GLY B 121 -8.49 -5.23 25.19
CA GLY B 121 -7.47 -6.24 24.99
C GLY B 121 -6.66 -6.06 23.71
N VAL B 122 -6.55 -4.83 23.24
CA VAL B 122 -5.72 -4.52 22.09
C VAL B 122 -4.30 -4.54 22.60
N PRO B 123 -3.48 -5.45 22.07
CA PRO B 123 -2.16 -5.72 22.70
C PRO B 123 -1.15 -4.60 22.51
N ALA B 124 -0.52 -4.24 23.62
CA ALA B 124 0.44 -3.15 23.64
C ALA B 124 1.67 -3.48 22.79
N ALA B 125 2.07 -4.74 22.75
CA ALA B 125 3.25 -5.10 21.98
C ALA B 125 2.96 -4.94 20.51
N GLY B 126 1.70 -5.11 20.12
CA GLY B 126 1.31 -4.99 18.72
C GLY B 126 1.34 -3.53 18.33
N ASN B 127 0.78 -2.66 19.16
CA ASN B 127 0.86 -1.23 18.87
C ASN B 127 2.30 -0.71 18.92
N ALA B 128 3.11 -1.23 19.82
CA ALA B 128 4.48 -0.79 19.87
C ALA B 128 5.12 -1.07 18.52
N ARG B 129 4.93 -2.28 17.99
CA ARG B 129 5.55 -2.62 16.73
C ARG B 129 4.94 -1.84 15.54
N ALA B 130 3.62 -1.73 15.46
CA ALA B 130 3.00 -1.02 14.34
C ALA B 130 3.41 0.45 14.32
N VAL B 131 3.40 1.06 15.48
CA VAL B 131 3.78 2.47 15.53
C VAL B 131 5.25 2.60 15.20
N GLY B 132 6.06 1.66 15.67
CA GLY B 132 7.47 1.67 15.34
C GLY B 132 7.72 1.58 13.84
N ILE B 133 6.96 0.73 13.15
CA ILE B 133 7.12 0.62 11.71
C ILE B 133 6.66 1.92 11.01
N MET B 134 5.53 2.49 11.44
CA MET B 134 5.13 3.77 10.84
C MET B 134 6.18 4.84 11.02
N LYS B 135 6.78 4.91 12.21
CA LYS B 135 7.83 5.85 12.47
C LYS B 135 9.01 5.65 11.50
N ALA B 136 9.49 4.41 11.36
CA ALA B 136 10.65 4.17 10.50
C ALA B 136 10.29 4.51 9.06
N THR B 137 9.10 4.15 8.63
CA THR B 137 8.69 4.38 7.25
C THR B 137 8.59 5.88 6.96
N CYS B 138 7.98 6.64 7.87
CA CYS B 138 7.89 8.08 7.68
C CYS B 138 9.25 8.75 7.66
N VAL B 139 10.12 8.38 8.60
CA VAL B 139 11.45 8.93 8.65
C VAL B 139 12.18 8.68 7.34
N ALA B 140 12.07 7.46 6.82
CA ALA B 140 12.70 7.11 5.54
C ALA B 140 12.14 7.93 4.39
N PHE B 141 10.83 8.07 4.31
CA PHE B 141 10.24 8.89 3.24
C PHE B 141 10.69 10.35 3.36
N ILE B 142 10.74 10.87 4.57
CA ILE B 142 11.11 12.27 4.78
C ILE B 142 12.56 12.52 4.39
N ASN B 143 13.43 11.58 4.72
CA ASN B 143 14.83 11.70 4.39
C ASN B 143 15.17 11.16 3.00
N ASN B 144 14.19 10.57 2.33
CA ASN B 144 14.38 10.04 0.97
C ASN B 144 15.36 8.85 0.94
N THR B 145 15.32 8.00 1.96
CA THR B 145 16.12 6.77 1.97
C THR B 145 15.28 5.54 1.61
N SER B 146 13.98 5.73 1.43
CA SER B 146 13.08 4.67 1.03
C SER B 146 13.38 4.20 -0.41
N ASN B 147 12.91 3.01 -0.76
CA ASN B 147 13.04 2.52 -2.12
C ASN B 147 12.49 3.53 -3.12
N GLN B 148 11.29 4.01 -2.83
CA GLN B 148 10.65 5.02 -3.66
C GLN B 148 10.90 6.43 -3.17
N LYS B 149 11.17 7.31 -4.13
CA LYS B 149 11.47 8.71 -3.90
C LYS B 149 10.69 9.54 -4.90
N LYS B 150 9.36 9.43 -4.85
CA LYS B 150 8.51 9.97 -5.90
C LYS B 150 8.29 11.47 -5.87
N LEU B 151 8.48 12.08 -4.71
CA LEU B 151 8.27 13.53 -4.59
C LEU B 151 9.57 14.26 -4.92
N SER B 152 9.44 15.42 -5.54
CA SER B 152 10.58 16.21 -5.98
C SER B 152 10.87 17.33 -4.98
N THR B 153 12.09 17.33 -4.47
CA THR B 153 12.60 18.38 -3.58
C THR B 153 14.06 18.69 -3.91
N PRO B 154 14.52 19.92 -3.62
CA PRO B 154 15.97 20.18 -3.63
C PRO B 154 16.65 19.27 -2.60
N ALA B 155 17.83 18.72 -2.91
CA ALA B 155 18.48 17.78 -2.01
C ALA B 155 19.03 18.53 -0.82
N GLY B 156 18.81 17.97 0.36
CA GLY B 156 19.29 18.59 1.55
C GLY B 156 19.07 17.72 2.76
N ASP B 157 19.26 18.33 3.92
CA ASP B 157 19.27 17.62 5.18
C ASP B 157 17.97 17.94 5.92
N CYS B 158 17.08 16.95 5.98
CA CYS B 158 15.80 17.09 6.66
C CYS B 158 15.77 16.32 7.95
N SER B 159 16.94 16.04 8.49
CA SER B 159 17.03 15.22 9.68
C SER B 159 16.30 15.85 10.87
N ALA B 160 16.29 17.18 10.97
CA ALA B 160 15.60 17.81 12.10
C ALA B 160 14.09 17.53 12.05
N LEU B 161 13.48 17.71 10.89
CA LEU B 161 12.07 17.44 10.70
C LEU B 161 11.77 15.95 10.86
N ALA B 162 12.65 15.10 10.35
CA ALA B 162 12.49 13.65 10.50
C ALA B 162 12.50 13.29 11.98
N SER B 163 13.42 13.87 12.73
CA SER B 163 13.51 13.60 14.17
C SER B 163 12.30 14.17 14.90
N GLU B 164 11.81 15.31 14.47
CA GLU B 164 10.61 15.88 15.08
C GLU B 164 9.43 14.93 14.86
N CYS B 165 9.29 14.46 13.62
CA CYS B 165 8.28 13.48 13.32
C CYS B 165 8.42 12.24 14.20
N ALA B 166 9.63 11.73 14.32
CA ALA B 166 9.88 10.55 15.14
C ALA B 166 9.47 10.82 16.59
N GLY B 167 9.75 12.03 17.08
CA GLY B 167 9.33 12.40 18.40
C GLY B 167 7.83 12.31 18.63
N TYR B 168 7.04 12.68 17.62
CA TYR B 168 5.58 12.57 17.72
C TYR B 168 5.18 11.09 17.79
N PHE B 169 5.77 10.26 16.96
CA PHE B 169 5.52 8.83 17.09
C PHE B 169 5.94 8.30 18.47
N ASP B 170 7.06 8.79 19.00
CA ASP B 170 7.53 8.37 20.32
C ASP B 170 6.53 8.76 21.39
N LYS B 171 5.81 9.87 21.21
CA LYS B 171 4.76 10.21 22.18
C LYS B 171 3.64 9.19 22.14
N VAL B 172 3.33 8.70 20.94
CA VAL B 172 2.30 7.66 20.80
C VAL B 172 2.72 6.38 21.53
N THR B 173 3.95 5.95 21.28
CA THR B 173 4.49 4.73 21.88
C THR B 173 4.53 4.86 23.41
N SER B 174 5.03 5.98 23.90
CA SER B 174 5.09 6.23 25.33
C SER B 174 3.71 6.12 25.98
N ALA B 175 2.74 6.77 25.35
CA ALA B 175 1.38 6.77 25.84
C ALA B 175 0.75 5.38 25.84
N LEU B 176 1.09 4.56 24.87
CA LEU B 176 0.47 3.24 24.78
C LEU B 176 1.31 2.16 25.45
N LYS C 1 -12.05 -11.91 -21.91
CA LYS C 1 -13.20 -11.36 -21.15
C LYS C 1 -13.58 -12.31 -20.05
N ASP C 2 -13.93 -11.74 -18.91
CA ASP C 2 -14.59 -12.48 -17.86
C ASP C 2 -15.75 -11.62 -17.36
N ALA C 3 -16.98 -12.08 -17.60
CA ALA C 3 -18.14 -11.24 -17.33
C ALA C 3 -18.23 -10.85 -15.86
N GLN C 4 -17.77 -11.72 -14.98
CA GLN C 4 -17.85 -11.47 -13.55
C GLN C 4 -16.64 -10.69 -13.01
N LEU C 5 -15.73 -10.31 -13.91
CA LEU C 5 -14.52 -9.58 -13.52
C LEU C 5 -13.73 -10.32 -12.47
N ARG C 6 -13.56 -11.62 -12.69
CA ARG C 6 -12.75 -12.44 -11.82
C ARG C 6 -11.31 -12.45 -12.30
N ALA C 7 -10.42 -12.64 -11.33
CA ALA C 7 -9.03 -12.90 -11.61
C ALA C 7 -8.55 -13.93 -10.60
N PRO C 8 -7.44 -14.60 -10.94
CA PRO C 8 -6.89 -15.58 -10.00
C PRO C 8 -6.15 -14.92 -8.85
N VAL C 9 -6.66 -15.13 -7.63
CA VAL C 9 -6.01 -14.66 -6.42
C VAL C 9 -5.15 -15.79 -5.88
N VAL C 10 -3.85 -15.54 -5.85
CA VAL C 10 -2.88 -16.53 -5.42
C VAL C 10 -2.35 -16.11 -4.05
N THR C 11 -2.27 -17.06 -3.14
CA THR C 11 -1.65 -16.86 -1.83
C THR C 11 -0.52 -17.91 -1.68
N ILE C 12 0.64 -17.47 -1.21
CA ILE C 12 1.84 -18.31 -1.09
C ILE C 12 2.17 -18.49 0.37
N PHE C 13 2.15 -19.74 0.86
CA PHE C 13 2.43 -20.04 2.27
C PHE C 13 3.73 -20.85 2.37
N ASP C 14 4.81 -20.17 2.70
CA ASP C 14 6.01 -20.84 3.21
C ASP C 14 5.83 -20.92 4.71
N ALA C 15 5.36 -22.06 5.18
CA ALA C 15 5.01 -22.22 6.58
C ALA C 15 5.97 -23.17 7.29
N ARG C 16 7.20 -23.25 6.77
CA ARG C 16 8.21 -24.07 7.41
C ARG C 16 8.51 -23.56 8.80
N GLY C 17 8.34 -24.41 9.80
CA GLY C 17 8.53 -24.03 11.19
C GLY C 17 7.28 -23.56 11.94
N CYS C 18 6.18 -23.35 11.23
CA CYS C 18 4.91 -22.99 11.89
C CYS C 18 4.34 -24.22 12.55
N LYS C 19 4.16 -24.16 13.86
CA LYS C 19 3.62 -25.27 14.64
C LYS C 19 2.16 -25.10 14.98
N ASP C 20 1.63 -23.90 14.81
CA ASP C 20 0.31 -23.61 15.42
C ASP C 20 -0.88 -23.65 14.49
N HIS C 21 -0.62 -23.67 13.19
CA HIS C 21 -1.67 -23.88 12.21
C HIS C 21 -1.62 -25.33 11.73
N ALA C 22 -2.74 -26.02 11.84
CA ALA C 22 -2.82 -27.41 11.42
C ALA C 22 -2.96 -27.44 9.92
N ASN C 23 -1.99 -28.06 9.26
CA ASN C 23 -1.94 -28.14 7.80
C ASN C 23 -2.96 -29.13 7.22
N LYS C 24 -4.21 -28.71 7.17
CA LYS C 24 -5.30 -29.60 6.82
C LYS C 24 -6.02 -29.19 5.55
N GLU C 25 -5.67 -28.02 5.00
CA GLU C 25 -6.41 -27.49 3.85
C GLU C 25 -6.06 -28.28 2.59
N TYR C 26 -4.78 -28.63 2.47
CA TYR C 26 -4.33 -29.46 1.39
C TYR C 26 -4.72 -30.89 1.71
N THR C 27 -5.44 -31.52 0.79
CA THR C 27 -6.08 -32.78 1.07
C THR C 27 -5.42 -33.93 0.34
N GLY C 28 -4.41 -33.63 -0.47
CA GLY C 28 -3.72 -34.65 -1.22
C GLY C 28 -2.68 -35.35 -0.37
N PRO C 29 -1.80 -36.12 -1.01
CA PRO C 29 -0.77 -36.90 -0.31
C PRO C 29 0.47 -36.09 0.06
N LYS C 30 1.26 -36.60 0.99
CA LYS C 30 2.47 -35.94 1.43
C LYS C 30 3.66 -36.26 0.53
N ALA C 31 4.63 -35.36 0.54
CA ALA C 31 5.87 -35.51 -0.22
C ALA C 31 6.97 -36.21 0.59
N GLY C 32 6.95 -36.04 1.91
CA GLY C 32 8.00 -36.60 2.75
C GLY C 32 9.18 -35.65 2.96
N ASN C 33 8.93 -34.35 2.80
CA ASN C 33 9.94 -33.35 3.05
C ASN C 33 9.30 -32.05 3.44
N ALA C 34 10.02 -31.23 4.19
CA ALA C 34 9.44 -30.00 4.74
C ALA C 34 9.21 -28.94 3.66
N GLU C 35 10.10 -28.90 2.67
CA GLU C 35 9.97 -27.91 1.60
C GLU C 35 8.62 -27.99 0.87
N ASN C 36 7.98 -29.15 0.88
CA ASN C 36 6.67 -29.30 0.26
C ASN C 36 5.54 -29.58 1.26
N ASP C 37 5.82 -30.32 2.34
CA ASP C 37 4.75 -30.63 3.30
C ASP C 37 4.38 -29.47 4.23
N GLU C 38 5.27 -28.47 4.34
CA GLU C 38 5.01 -27.27 5.13
C GLU C 38 4.96 -26.02 4.25
N CYS C 39 4.71 -26.23 2.95
CA CYS C 39 4.47 -25.14 1.98
C CYS C 39 3.20 -25.41 1.22
N CYS C 40 2.47 -24.35 0.88
CA CYS C 40 1.21 -24.50 0.15
C CYS C 40 0.92 -23.27 -0.68
N VAL C 41 0.32 -23.51 -1.84
CA VAL C 41 -0.17 -22.45 -2.69
C VAL C 41 -1.69 -22.53 -2.73
N LYS C 42 -2.33 -21.40 -2.54
CA LYS C 42 -3.78 -21.30 -2.64
C LYS C 42 -4.11 -20.48 -3.89
N VAL C 43 -5.04 -20.97 -4.71
CA VAL C 43 -5.45 -20.29 -5.92
C VAL C 43 -6.97 -20.27 -5.98
N GLN C 44 -7.54 -19.09 -6.23
CA GLN C 44 -8.99 -18.96 -6.25
C GLN C 44 -9.40 -17.89 -7.23
N MET C 45 -10.25 -18.25 -8.19
CA MET C 45 -10.84 -17.27 -9.08
C MET C 45 -11.82 -16.49 -8.24
N THR C 46 -11.64 -15.18 -8.20
CA THR C 46 -12.33 -14.30 -7.27
C THR C 46 -12.80 -13.07 -8.03
N PRO C 47 -14.06 -12.65 -7.83
CA PRO C 47 -14.48 -11.33 -8.34
C PRO C 47 -13.62 -10.23 -7.70
N ILE C 48 -12.94 -9.45 -8.54
CA ILE C 48 -12.09 -8.40 -8.03
C ILE C 48 -12.92 -7.15 -7.83
N LYS C 49 -12.86 -6.60 -6.61
CA LYS C 49 -13.65 -5.43 -6.22
C LYS C 49 -12.72 -4.44 -5.54
N VAL C 50 -13.03 -3.17 -5.68
CA VAL C 50 -12.36 -2.10 -4.92
C VAL C 50 -13.44 -1.27 -4.26
N ALA C 51 -13.39 -1.16 -2.95
CA ALA C 51 -14.39 -0.41 -2.18
C ALA C 51 -14.11 1.08 -2.20
N ASP C 52 -15.16 1.85 -1.92
CA ASP C 52 -15.11 3.30 -1.89
C ASP C 52 -13.99 3.83 -1.02
N ASP C 53 -13.79 3.23 0.16
CA ASP C 53 -12.76 3.75 1.07
C ASP C 53 -11.38 3.63 0.45
N ALA C 54 -11.11 2.52 -0.25
CA ALA C 54 -9.78 2.34 -0.82
C ALA C 54 -9.55 3.35 -1.93
N ALA C 55 -10.54 3.57 -2.79
CA ALA C 55 -10.43 4.53 -3.88
C ALA C 55 -10.29 5.95 -3.35
N ALA C 56 -11.03 6.26 -2.29
CA ALA C 56 -10.98 7.61 -1.73
C ALA C 56 -9.59 7.92 -1.16
N LEU C 57 -8.97 6.93 -0.55
CA LEU C 57 -7.65 7.14 0.04
C LEU C 57 -6.58 7.32 -1.05
N VAL C 58 -6.67 6.56 -2.14
CA VAL C 58 -5.77 6.77 -3.26
C VAL C 58 -5.92 8.18 -3.82
N LEU C 59 -7.15 8.64 -3.98
CA LEU C 59 -7.39 10.00 -4.49
C LEU C 59 -6.74 11.04 -3.58
N LYS C 60 -6.89 10.89 -2.26
CA LYS C 60 -6.19 11.80 -1.35
C LYS C 60 -4.69 11.81 -1.59
N GLU C 61 -4.07 10.64 -1.78
CA GLU C 61 -2.63 10.63 -2.08
C GLU C 61 -2.35 11.41 -3.36
N CYS C 62 -3.15 11.16 -4.41
CA CYS C 62 -2.93 11.81 -5.70
C CYS C 62 -3.00 13.33 -5.61
N LEU C 63 -4.01 13.81 -4.90
CA LEU C 63 -4.27 15.24 -4.87
C LEU C 63 -3.10 16.04 -4.30
N SER C 64 -2.33 15.41 -3.42
CA SER C 64 -1.18 16.06 -2.81
C SER C 64 0.14 15.83 -3.57
N GLU C 65 0.08 15.27 -4.78
CA GLU C 65 1.31 14.96 -5.50
C GLU C 65 1.22 15.22 -7.01
N LEU C 66 0.26 16.03 -7.45
CA LEU C 66 0.08 16.27 -8.88
C LEU C 66 1.26 17.05 -9.42
N LYS C 67 1.81 16.62 -10.56
CA LYS C 67 2.96 17.31 -11.13
C LYS C 67 2.57 18.49 -12.01
N GLY C 68 3.20 19.62 -11.77
CA GLY C 68 3.06 20.80 -12.62
C GLY C 68 3.87 20.69 -13.91
N SER D 14 -14.90 -20.84 -8.88
CA SER D 14 -14.99 -20.13 -7.61
C SER D 14 -14.27 -20.89 -6.50
N LYS D 15 -14.17 -22.21 -6.64
CA LYS D 15 -13.57 -23.06 -5.62
C LYS D 15 -12.08 -22.79 -5.41
N ALA D 16 -11.67 -22.61 -4.17
CA ALA D 16 -10.25 -22.50 -3.85
C ALA D 16 -9.55 -23.84 -3.99
N ALA D 17 -8.37 -23.81 -4.59
CA ALA D 17 -7.49 -24.95 -4.70
C ALA D 17 -6.29 -24.77 -3.79
N TYR D 18 -5.93 -25.85 -3.10
CA TYR D 18 -4.73 -25.88 -2.27
C TYR D 18 -3.72 -26.88 -2.85
N VAL D 19 -2.53 -26.36 -3.14
CA VAL D 19 -1.47 -27.15 -3.71
C VAL D 19 -0.28 -27.19 -2.73
N GLY D 20 -0.13 -28.34 -2.09
CA GLY D 20 0.93 -28.57 -1.12
C GLY D 20 1.45 -29.98 -1.25
N GLY D 21 2.36 -30.37 -0.36
CA GLY D 21 2.80 -31.77 -0.29
C GLY D 21 3.17 -32.31 -1.65
N ALA D 22 2.72 -33.52 -1.94
CA ALA D 22 3.05 -34.17 -3.19
C ALA D 22 2.61 -33.36 -4.41
N ASP D 23 1.46 -32.68 -4.33
CA ASP D 23 0.99 -31.92 -5.49
C ASP D 23 1.91 -30.71 -5.77
N LEU D 24 2.44 -30.09 -4.71
CA LEU D 24 3.34 -28.95 -4.88
C LEU D 24 4.70 -29.42 -5.37
N GLN D 25 5.16 -30.57 -4.87
CA GLN D 25 6.39 -31.14 -5.37
C GLN D 25 6.26 -31.37 -6.86
N ALA D 26 5.09 -31.87 -7.31
CA ALA D 26 4.86 -32.10 -8.72
C ALA D 26 4.81 -30.80 -9.51
N LEU D 27 4.14 -29.79 -8.96
CA LEU D 27 4.08 -28.50 -9.64
C LEU D 27 5.50 -27.96 -9.90
N LYS D 28 6.41 -28.18 -8.94
CA LYS D 28 7.79 -27.71 -9.09
C LYS D 28 8.58 -28.49 -10.16
N LYS D 29 8.09 -29.66 -10.55
CA LYS D 29 8.67 -30.39 -11.67
C LYS D 29 8.10 -29.89 -13.00
N PHE D 30 6.93 -29.26 -12.95
CA PHE D 30 6.23 -28.86 -14.18
C PHE D 30 6.61 -27.45 -14.66
N VAL D 31 7.14 -26.62 -13.78
CA VAL D 31 7.51 -25.26 -14.14
C VAL D 31 8.98 -25.08 -13.82
N SER D 32 9.66 -24.18 -14.52
CA SER D 32 11.08 -23.93 -14.26
C SER D 32 11.27 -23.13 -12.97
N GLU D 33 12.37 -23.39 -12.29
CA GLU D 33 12.79 -22.63 -11.11
C GLU D 33 11.63 -22.41 -10.14
N GLY D 34 10.98 -23.52 -9.76
CA GLY D 34 9.74 -23.46 -9.01
C GLY D 34 9.83 -22.63 -7.74
N ASN D 35 10.86 -22.87 -6.93
CA ASN D 35 10.99 -22.14 -5.69
C ASN D 35 11.15 -20.65 -5.90
N LYS D 36 12.01 -20.25 -6.84
CA LYS D 36 12.18 -18.83 -7.12
C LYS D 36 10.88 -18.20 -7.64
N ARG D 37 10.17 -18.97 -8.44
CA ARG D 37 8.91 -18.55 -9.02
C ARG D 37 7.90 -18.25 -7.90
N LEU D 38 7.85 -19.13 -6.91
CA LEU D 38 6.94 -18.96 -5.80
C LEU D 38 7.30 -17.73 -4.96
N ASP D 39 8.59 -17.51 -4.75
CA ASP D 39 9.05 -16.27 -4.12
C ASP D 39 8.64 -15.01 -4.88
N ALA D 40 8.77 -15.03 -6.20
CA ALA D 40 8.40 -13.89 -7.01
C ALA D 40 6.90 -13.59 -6.87
N VAL D 41 6.08 -14.63 -6.95
CA VAL D 41 4.67 -14.47 -6.81
C VAL D 41 4.34 -13.92 -5.43
N ASN D 42 5.00 -14.45 -4.39
CA ASN D 42 4.77 -13.98 -3.03
C ASN D 42 5.02 -12.49 -2.89
N ALA D 43 6.11 -12.02 -3.46
CA ALA D 43 6.46 -10.61 -3.40
C ALA D 43 5.36 -9.75 -4.03
N ILE D 44 4.85 -10.17 -5.17
CA ILE D 44 3.89 -9.36 -5.92
C ILE D 44 2.55 -9.38 -5.17
N VAL D 45 2.04 -10.56 -4.83
CA VAL D 45 0.73 -10.60 -4.24
C VAL D 45 0.69 -9.95 -2.86
N SER D 46 1.76 -10.09 -2.10
CA SER D 46 1.79 -9.59 -0.74
C SER D 46 1.95 -8.08 -0.68
N ASN D 47 2.29 -7.47 -1.81
CA ASN D 47 2.40 -6.01 -1.92
C ASN D 47 1.41 -5.43 -2.94
N ALA D 48 0.35 -6.18 -3.25
CA ALA D 48 -0.48 -5.88 -4.40
C ALA D 48 -1.13 -4.50 -4.30
N SER D 49 -1.70 -4.16 -3.14
CA SER D 49 -2.40 -2.87 -3.03
C SER D 49 -1.50 -1.69 -3.37
N CYS D 50 -0.26 -1.73 -2.87
CA CYS D 50 0.69 -0.66 -3.18
C CYS D 50 1.10 -0.69 -4.65
N ILE D 51 1.40 -1.87 -5.19
CA ILE D 51 1.81 -1.95 -6.59
C ILE D 51 0.76 -1.28 -7.47
N VAL D 52 -0.49 -1.63 -7.20
CA VAL D 52 -1.61 -1.06 -7.94
C VAL D 52 -1.84 0.42 -7.70
N SER D 53 -1.89 0.81 -6.43
CA SER D 53 -2.14 2.22 -6.14
C SER D 53 -1.02 3.12 -6.64
N ASP D 54 0.21 2.65 -6.53
CA ASP D 54 1.37 3.42 -6.98
C ASP D 54 1.34 3.60 -8.51
N ALA D 55 0.95 2.55 -9.23
CA ALA D 55 0.83 2.62 -10.70
C ALA D 55 -0.28 3.57 -11.15
N VAL D 56 -1.45 3.42 -10.55
CA VAL D 56 -2.59 4.26 -10.94
C VAL D 56 -2.35 5.71 -10.51
N SER D 57 -1.84 5.91 -9.30
CA SER D 57 -1.51 7.27 -8.87
C SER D 57 -0.33 7.89 -9.58
N GLY D 58 0.56 7.09 -10.12
CA GLY D 58 1.66 7.57 -10.94
C GLY D 58 1.16 8.01 -12.32
N MET D 59 0.30 7.20 -12.92
CA MET D 59 -0.39 7.58 -14.15
C MET D 59 -1.08 8.95 -13.96
N ILE D 60 -1.74 9.12 -12.83
CA ILE D 60 -2.46 10.36 -12.53
C ILE D 60 -1.52 11.51 -12.19
N CYS D 61 -0.51 11.28 -11.37
CA CYS D 61 0.33 12.42 -11.02
C CYS D 61 1.09 12.97 -12.22
N GLU D 62 1.41 12.10 -13.17
CA GLU D 62 2.04 12.53 -14.42
C GLU D 62 1.07 13.21 -15.38
N ASN D 63 -0.22 12.87 -15.27
CA ASN D 63 -1.26 13.48 -16.11
C ASN D 63 -2.48 13.82 -15.27
N PRO D 64 -2.40 14.91 -14.52
CA PRO D 64 -3.47 15.24 -13.57
C PRO D 64 -4.85 15.45 -14.19
N ALA D 65 -4.92 15.71 -15.49
CA ALA D 65 -6.22 15.80 -16.16
C ALA D 65 -7.09 14.58 -15.88
N LEU D 66 -6.46 13.45 -15.60
CA LEU D 66 -7.21 12.22 -15.41
C LEU D 66 -8.16 12.30 -14.22
N ILE D 67 -7.88 13.18 -13.26
CA ILE D 67 -8.81 13.39 -12.15
C ILE D 67 -9.41 14.82 -12.14
N SER D 68 -9.28 15.53 -13.27
CA SER D 68 -10.07 16.74 -13.48
C SER D 68 -11.48 16.30 -13.81
N PRO D 69 -12.44 17.22 -13.80
CA PRO D 69 -13.82 16.74 -13.95
C PRO D 69 -14.12 16.04 -15.28
N SER D 70 -13.35 16.29 -16.34
CA SER D 70 -13.56 15.54 -17.58
C SER D 70 -12.65 14.30 -17.72
N GLY D 71 -11.87 14.01 -16.69
CA GLY D 71 -10.91 12.92 -16.71
C GLY D 71 -11.51 11.56 -16.43
N CYS D 73 -10.62 9.14 -14.57
CA CYS D 73 -10.56 8.65 -13.20
C CYS D 73 -11.28 9.56 -12.21
N TYR D 74 -12.03 10.55 -12.72
CA TYR D 74 -12.75 11.46 -11.86
C TYR D 74 -13.90 10.73 -11.16
N THR D 75 -14.03 10.98 -9.86
CA THR D 75 -14.99 10.37 -8.94
C THR D 75 -14.50 9.02 -8.40
N ASN D 76 -14.92 8.70 -7.17
CA ASN D 76 -14.55 7.43 -6.57
C ASN D 76 -14.90 6.26 -7.44
N ARG D 77 -16.06 6.32 -8.11
CA ARG D 77 -16.47 5.17 -8.89
C ARG D 77 -15.49 4.88 -10.01
N ARG D 78 -15.03 5.91 -10.70
CA ARG D 78 -14.10 5.69 -11.79
C ARG D 78 -12.71 5.29 -11.27
N MET D 79 -12.26 5.94 -10.21
CA MET D 79 -10.99 5.55 -9.58
C MET D 79 -11.05 4.09 -9.14
N ALA D 80 -12.16 3.69 -8.52
CA ALA D 80 -12.32 2.31 -8.06
C ALA D 80 -12.28 1.30 -9.22
N ALA D 81 -12.87 1.68 -10.35
CA ALA D 81 -12.89 0.81 -11.51
C ALA D 81 -11.47 0.69 -12.09
N CYS D 82 -10.72 1.78 -12.10
CA CYS D 82 -9.36 1.73 -12.64
C CYS D 82 -8.42 0.92 -11.73
N LEU D 83 -8.46 1.19 -10.43
CA LEU D 83 -7.72 0.38 -9.48
C LEU D 83 -8.09 -1.09 -9.62
N ARG D 84 -9.37 -1.39 -9.80
CA ARG D 84 -9.79 -2.79 -9.94
C ARG D 84 -9.17 -3.42 -11.17
N ASP D 85 -9.23 -2.73 -12.31
CA ASP D 85 -8.75 -3.27 -13.56
C ASP D 85 -7.24 -3.44 -13.48
N ALA D 86 -6.54 -2.47 -12.88
CA ALA D 86 -5.10 -2.61 -12.73
C ALA D 86 -4.77 -3.86 -11.86
N GLU D 87 -5.56 -4.07 -10.82
CA GLU D 87 -5.40 -5.27 -9.98
C GLU D 87 -5.69 -6.55 -10.78
N ILE D 88 -6.76 -6.54 -11.58
CA ILE D 88 -7.09 -7.69 -12.43
C ILE D 88 -5.88 -8.04 -13.31
N ILE D 89 -5.32 -7.07 -13.99
CA ILE D 89 -4.17 -7.27 -14.86
C ILE D 89 -2.98 -7.81 -14.05
N LEU D 90 -2.68 -7.18 -12.90
CA LEU D 90 -1.59 -7.64 -12.06
C LEU D 90 -1.77 -9.10 -11.65
N ARG D 91 -2.99 -9.46 -11.29
CA ARG D 91 -3.27 -10.82 -10.85
C ARG D 91 -3.12 -11.83 -11.98
N TYR D 92 -3.60 -11.53 -13.18
CA TYR D 92 -3.38 -12.45 -14.30
C TYR D 92 -1.88 -12.55 -14.65
N VAL D 93 -1.12 -11.47 -14.46
CA VAL D 93 0.33 -11.59 -14.61
C VAL D 93 0.91 -12.48 -13.51
N SER D 94 0.49 -12.26 -12.26
CA SER D 94 0.99 -13.12 -11.19
C SER D 94 0.70 -14.60 -11.45
N TYR D 95 -0.47 -14.88 -12.02
CA TYR D 95 -0.87 -16.24 -12.30
C TYR D 95 -0.06 -16.82 -13.46
N SER D 96 0.31 -15.98 -14.41
CA SER D 96 1.18 -16.36 -15.52
C SER D 96 2.53 -16.77 -14.97
N LEU D 97 3.01 -16.02 -13.98
CA LEU D 97 4.29 -16.31 -13.40
C LEU D 97 4.20 -17.62 -12.59
N LEU D 98 3.09 -17.87 -11.92
CA LEU D 98 2.89 -19.15 -11.23
C LEU D 98 2.87 -20.31 -12.23
N SER D 99 2.25 -20.09 -13.38
CA SER D 99 1.98 -21.15 -14.34
C SER D 99 3.11 -21.39 -15.33
N GLY D 100 3.95 -20.39 -15.53
CA GLY D 100 4.99 -20.45 -16.54
C GLY D 100 4.58 -20.09 -17.95
N ASP D 101 3.38 -19.58 -18.13
CA ASP D 101 2.93 -19.16 -19.44
C ASP D 101 1.81 -18.15 -19.31
N SER D 102 1.49 -17.52 -20.44
CA SER D 102 0.52 -16.44 -20.49
C SER D 102 -0.84 -16.79 -21.11
N SER D 103 -1.16 -18.06 -21.32
CA SER D 103 -2.39 -18.39 -22.05
C SER D 103 -3.66 -17.85 -21.40
N VAL D 104 -3.80 -17.98 -20.09
CA VAL D 104 -5.00 -17.52 -19.42
C VAL D 104 -5.07 -16.00 -19.46
N LEU D 105 -3.93 -15.34 -19.21
CA LEU D 105 -3.84 -13.89 -19.33
C LEU D 105 -4.30 -13.41 -20.70
N GLU D 106 -3.82 -14.06 -21.75
CA GLU D 106 -4.12 -13.62 -23.11
C GLU D 106 -5.56 -13.83 -23.47
N ASP D 107 -6.17 -14.90 -22.95
CA ASP D 107 -7.57 -15.20 -23.24
C ASP D 107 -8.54 -14.48 -22.28
N ARG D 108 -8.56 -14.91 -21.04
CA ARG D 108 -9.52 -14.45 -20.06
C ARG D 108 -9.36 -12.94 -19.79
N CYS D 109 -8.12 -12.47 -19.64
CA CYS D 109 -7.93 -11.07 -19.29
C CYS D 109 -7.95 -10.17 -20.52
N LEU D 110 -7.07 -10.47 -21.49
CA LEU D 110 -6.85 -9.53 -22.60
C LEU D 110 -7.84 -9.68 -23.76
N GLY D 111 -8.49 -10.83 -23.87
CA GLY D 111 -9.42 -11.08 -24.98
C GLY D 111 -10.58 -10.10 -24.94
N GLY D 112 -10.71 -9.30 -26.00
CA GLY D 112 -11.76 -8.29 -26.07
C GLY D 112 -11.56 -7.04 -25.23
N LEU D 113 -10.46 -6.96 -24.48
CA LEU D 113 -10.31 -5.85 -23.55
C LEU D 113 -10.11 -4.51 -24.26
N LYS D 114 -9.30 -4.48 -25.31
CA LYS D 114 -9.10 -3.24 -26.05
C LYS D 114 -10.43 -2.70 -26.56
N GLU D 115 -11.27 -3.60 -27.06
CA GLU D 115 -12.56 -3.20 -27.61
C GLU D 115 -13.49 -2.70 -26.49
N THR D 116 -13.44 -3.36 -25.35
CA THR D 116 -14.23 -2.94 -24.20
C THR D 116 -13.84 -1.52 -23.79
N TYR D 117 -12.54 -1.29 -23.68
CA TYR D 117 -12.08 0.03 -23.31
C TYR D 117 -12.46 1.11 -24.33
N ALA D 118 -12.44 0.75 -25.61
CA ALA D 118 -12.85 1.69 -26.66
C ALA D 118 -14.32 2.05 -26.51
N SER D 119 -15.16 1.08 -26.16
CA SER D 119 -16.59 1.36 -26.03
C SER D 119 -16.89 2.23 -24.79
N LEU D 120 -16.03 2.15 -23.78
CA LEU D 120 -16.23 2.90 -22.54
C LEU D 120 -15.48 4.25 -22.53
N GLY D 121 -14.54 4.42 -23.46
CA GLY D 121 -13.70 5.59 -23.48
C GLY D 121 -12.57 5.57 -22.44
N VAL D 122 -12.06 4.38 -22.10
CA VAL D 122 -10.91 4.28 -21.18
C VAL D 122 -9.61 4.53 -21.94
N PRO D 123 -8.82 5.53 -21.54
CA PRO D 123 -7.74 6.03 -22.40
C PRO D 123 -6.52 5.12 -22.50
N ALA D 124 -6.09 4.83 -23.73
CA ALA D 124 -4.98 3.96 -24.00
C ALA D 124 -3.65 4.48 -23.43
N ALA D 125 -3.43 5.79 -23.46
CA ALA D 125 -2.16 6.36 -22.99
C ALA D 125 -2.03 6.15 -21.48
N GLY D 126 -3.14 6.34 -20.78
CA GLY D 126 -3.15 6.16 -19.34
C GLY D 126 -2.93 4.71 -18.99
N ASN D 127 -3.62 3.81 -19.68
CA ASN D 127 -3.40 2.40 -19.45
C ASN D 127 -1.98 1.97 -19.72
N ALA D 128 -1.38 2.44 -20.81
CA ALA D 128 0.00 2.09 -21.09
C ALA D 128 0.91 2.51 -19.92
N ARG D 129 0.63 3.67 -19.31
CA ARG D 129 1.50 4.12 -18.23
C ARG D 129 1.27 3.33 -16.94
N ALA D 130 0.02 3.07 -16.58
CA ALA D 130 -0.26 2.27 -15.38
C ALA D 130 0.38 0.88 -15.50
N VAL D 131 0.22 0.27 -16.66
CA VAL D 131 0.82 -1.04 -16.89
C VAL D 131 2.35 -0.95 -16.87
N GLY D 132 2.91 0.09 -17.48
CA GLY D 132 4.34 0.29 -17.49
C GLY D 132 4.94 0.45 -16.09
N ILE D 133 4.23 1.15 -15.22
CA ILE D 133 4.69 1.30 -13.84
C ILE D 133 4.61 -0.04 -13.13
N MET D 134 3.51 -0.76 -13.27
CA MET D 134 3.42 -2.08 -12.61
C MET D 134 4.54 -3.00 -13.09
N LYS D 135 4.84 -2.95 -14.39
CA LYS D 135 5.96 -3.71 -14.93
C LYS D 135 7.28 -3.39 -14.24
N ALA D 136 7.61 -2.11 -14.16
CA ALA D 136 8.87 -1.72 -13.54
C ALA D 136 8.92 -2.19 -12.10
N THR D 137 7.79 -2.06 -11.41
CA THR D 137 7.71 -2.41 -10.00
C THR D 137 7.91 -3.91 -9.82
N CYS D 138 7.22 -4.73 -10.60
CA CYS D 138 7.36 -6.15 -10.47
C CYS D 138 8.77 -6.62 -10.83
N VAL D 139 9.35 -6.07 -11.89
CA VAL D 139 10.70 -6.41 -12.27
C VAL D 139 11.66 -6.07 -11.14
N ALA D 140 11.43 -4.95 -10.47
CA ALA D 140 12.31 -4.53 -9.38
C ALA D 140 12.15 -5.43 -8.15
N PHE D 141 10.94 -5.92 -7.89
CA PHE D 141 10.74 -6.85 -6.79
C PHE D 141 11.45 -8.17 -7.07
N ILE D 142 11.47 -8.60 -8.32
CA ILE D 142 12.11 -9.84 -8.69
C ILE D 142 13.63 -9.68 -8.72
N ASN D 143 14.12 -8.55 -9.28
CA ASN D 143 15.55 -8.26 -9.32
C ASN D 143 15.96 -7.35 -8.17
N ASN D 144 15.50 -7.68 -6.98
CA ASN D 144 15.79 -6.96 -5.75
C ASN D 144 17.25 -7.21 -5.36
N THR D 145 18.03 -6.12 -5.28
CA THR D 145 19.47 -6.19 -5.01
C THR D 145 19.82 -5.87 -3.55
N SER D 146 18.81 -5.86 -2.68
CA SER D 146 19.02 -5.57 -1.28
C SER D 146 19.96 -6.55 -0.61
N ASN D 147 20.66 -6.08 0.41
CA ASN D 147 21.47 -7.00 1.21
C ASN D 147 20.62 -8.11 1.81
N GLN D 148 21.20 -9.28 1.95
CA GLN D 148 20.51 -10.42 2.53
C GLN D 148 19.81 -10.07 3.83
N LYS D 149 20.45 -9.24 4.65
CA LYS D 149 19.86 -8.84 5.91
C LYS D 149 18.49 -8.17 5.72
N LYS D 150 18.30 -7.53 4.57
CA LYS D 150 17.06 -6.80 4.28
C LYS D 150 16.40 -7.40 3.05
N LEU D 151 16.34 -8.72 3.02
CA LEU D 151 15.80 -9.46 1.91
C LEU D 151 15.11 -10.69 2.47
N SER D 152 13.83 -10.91 2.10
CA SER D 152 13.06 -12.01 2.69
C SER D 152 13.35 -13.37 2.08
N THR D 153 14.04 -13.41 0.96
CA THR D 153 14.36 -14.64 0.25
C THR D 153 15.86 -14.82 0.18
N PRO D 154 16.32 -16.04 -0.09
CA PRO D 154 17.76 -16.23 -0.28
C PRO D 154 18.22 -15.41 -1.46
N ALA D 155 19.32 -14.70 -1.28
CA ALA D 155 19.84 -13.85 -2.34
C ALA D 155 20.34 -14.69 -3.51
N GLY D 156 20.02 -14.22 -4.71
CA GLY D 156 20.51 -14.84 -5.92
C GLY D 156 19.99 -14.17 -7.16
N ASP D 157 20.11 -14.85 -8.27
CA ASP D 157 19.84 -14.28 -9.58
C ASP D 157 18.47 -14.77 -10.02
N CYS D 158 17.54 -13.83 -10.13
CA CYS D 158 16.20 -14.10 -10.63
C CYS D 158 15.94 -13.38 -11.94
N SER D 159 17.02 -13.04 -12.66
CA SER D 159 16.88 -12.25 -13.87
C SER D 159 16.04 -12.94 -14.96
N ALA D 160 16.12 -14.26 -15.06
CA ALA D 160 15.33 -14.96 -16.06
C ALA D 160 13.83 -14.77 -15.75
N LEU D 161 13.46 -14.99 -14.49
CA LEU D 161 12.07 -14.80 -14.09
C LEU D 161 11.61 -13.36 -14.22
N ALA D 162 12.50 -12.41 -13.97
CA ALA D 162 12.14 -11.02 -14.11
C ALA D 162 11.87 -10.73 -15.57
N SER D 163 12.69 -11.26 -16.46
CA SER D 163 12.48 -11.05 -17.88
C SER D 163 11.20 -11.73 -18.35
N GLU D 164 10.89 -12.88 -17.76
CA GLU D 164 9.66 -13.58 -18.06
C GLU D 164 8.47 -12.73 -17.65
N CYS D 165 8.51 -12.21 -16.44
CA CYS D 165 7.48 -11.31 -15.93
C CYS D 165 7.32 -10.08 -16.81
N ALA D 166 8.44 -9.47 -17.19
CA ALA D 166 8.42 -8.32 -18.09
C ALA D 166 7.70 -8.66 -19.40
N GLY D 167 7.96 -9.84 -19.94
CA GLY D 167 7.32 -10.29 -21.15
C GLY D 167 5.80 -10.36 -21.04
N TYR D 168 5.31 -10.80 -19.89
CA TYR D 168 3.87 -10.85 -19.67
C TYR D 168 3.26 -9.44 -19.68
N PHE D 169 3.90 -8.49 -19.01
CA PHE D 169 3.43 -7.11 -19.09
C PHE D 169 3.50 -6.58 -20.51
N ASP D 170 4.51 -6.97 -21.27
CA ASP D 170 4.61 -6.48 -22.65
C ASP D 170 3.43 -6.99 -23.47
N LYS D 171 2.93 -8.17 -23.16
CA LYS D 171 1.74 -8.67 -23.85
C LYS D 171 0.50 -7.82 -23.55
N VAL D 172 0.40 -7.35 -22.32
CA VAL D 172 -0.70 -6.48 -21.95
C VAL D 172 -0.57 -5.16 -22.70
N THR D 173 0.63 -4.59 -22.68
CA THR D 173 0.89 -3.32 -23.38
C THR D 173 0.53 -3.44 -24.88
N SER D 174 0.90 -4.57 -25.48
CA SER D 174 0.64 -4.74 -26.91
C SER D 174 -0.85 -4.85 -27.18
N ALA D 175 -1.57 -5.58 -26.35
CA ALA D 175 -3.00 -5.81 -26.54
C ALA D 175 -3.80 -4.53 -26.39
N LEU D 176 -3.36 -3.66 -25.49
CA LEU D 176 -4.06 -2.43 -25.19
C LEU D 176 -3.53 -1.25 -26.02
#